data_7JYS
#
_entry.id   7JYS
#
_cell.length_a   51.730
_cell.length_b   56.887
_cell.length_c   103.563
_cell.angle_alpha   90.000
_cell.angle_beta   90.000
_cell.angle_gamma   90.000
#
_symmetry.space_group_name_H-M   'P 21 21 21'
#
loop_
_entity.id
_entity.type
_entity.pdbx_description
1 polymer 'ALK tyrosine kinase receptor'
2 non-polymer 3-(3-chlorophenyl)-5-methyl-1H-pyrazole
3 non-polymer 1,2-ETHANEDIOL
4 water water
#
_entity_poly.entity_id   1
_entity_poly.type   'polypeptide(L)'
_entity_poly.pdbx_seq_one_letter_code
;GAMGSTDYNPNYCFAGKTSSISDLKEVPRKNITLIRGLGHGAFGEVYEGQVSGMPNDPSPLQVAVKTLPEVCSEQDELDF
LMEALIISKFNHQNIVRCIGVSLQSLPRFILLELMAGGDLKSFLRETRPRPSQPSSLAMLDLLHVARDIACGCQYLEENH
FIHRDIAARNCLLTCPGPGRVAKIGDFGMARDIYRASYYRKGGCAMLPVKWMPPEAFMEGIFTSKTDTWSFGVLLWEIFS
LGYMPYPSKSNQEVLEFVTSGGRMDPPKNCPGPVYRIMTQCWQHQPEDRPNFAIILERIEYCTQDPDVINTALPIEYGPL
VE
;
_entity_poly.pdbx_strand_id   A
#
# COMPACT_ATOMS: atom_id res chain seq x y z
N ASN A 11 18.85 3.92 -14.71
CA ASN A 11 17.80 3.97 -15.72
C ASN A 11 16.54 3.24 -15.27
N TYR A 12 15.43 3.96 -15.28
CA TYR A 12 14.12 3.44 -14.90
C TYR A 12 13.19 3.50 -16.10
N CYS A 13 12.40 2.44 -16.30
CA CYS A 13 11.40 2.41 -17.36
C CYS A 13 10.01 2.23 -16.77
N PHE A 14 9.03 2.88 -17.38
CA PHE A 14 7.65 2.81 -16.94
C PHE A 14 6.74 3.60 -17.86
N ALA A 15 5.56 3.05 -18.17
CA ALA A 15 4.55 3.73 -18.98
C ALA A 15 5.06 4.03 -20.38
N GLY A 16 6.07 3.31 -20.85
CA GLY A 16 6.57 3.46 -22.20
C GLY A 16 7.79 4.35 -22.34
N LYS A 17 8.35 4.85 -21.24
CA LYS A 17 9.49 5.75 -21.31
C LYS A 17 10.58 5.28 -20.35
N THR A 18 11.80 5.74 -20.60
CA THR A 18 12.94 5.47 -19.73
C THR A 18 13.47 6.79 -19.20
N SER A 19 13.66 6.85 -17.89
CA SER A 19 14.14 8.05 -17.21
C SER A 19 15.45 7.76 -16.49
N SER A 20 16.01 8.78 -15.86
CA SER A 20 17.25 8.65 -15.11
C SER A 20 17.28 9.73 -14.04
N ILE A 21 18.32 9.66 -13.19
CA ILE A 21 18.46 10.52 -12.03
C ILE A 21 18.30 11.99 -12.42
N SER A 22 18.50 12.30 -13.70
CA SER A 22 18.42 13.68 -14.16
C SER A 22 16.97 14.18 -14.20
N ASP A 23 16.05 13.33 -14.65
CA ASP A 23 14.66 13.77 -14.80
C ASP A 23 14.04 14.17 -13.47
N LEU A 24 14.55 13.64 -12.37
CA LEU A 24 14.11 14.06 -11.05
C LEU A 24 14.30 15.56 -10.89
N LYS A 25 13.49 16.17 -10.03
CA LYS A 25 13.58 17.60 -9.75
C LYS A 25 14.49 17.79 -8.53
N GLU A 26 15.73 18.20 -8.77
CA GLU A 26 16.65 18.45 -7.67
C GLU A 26 16.27 19.76 -6.99
N VAL A 27 16.11 19.70 -5.67
CA VAL A 27 15.82 20.88 -4.85
C VAL A 27 17.10 21.25 -4.13
N PRO A 28 17.56 22.50 -4.22
CA PRO A 28 18.81 22.87 -3.53
C PRO A 28 18.63 22.66 -2.04
N ARG A 29 19.61 22.01 -1.41
CA ARG A 29 19.47 21.66 -0.01
C ARG A 29 19.13 22.88 0.84
N LYS A 30 19.52 24.08 0.39
CA LYS A 30 19.34 25.26 1.23
C LYS A 30 17.87 25.61 1.46
N ASN A 31 16.96 25.15 0.59
CA ASN A 31 15.55 25.48 0.76
C ASN A 31 14.80 24.51 1.68
N ILE A 32 15.45 23.45 2.15
CA ILE A 32 14.75 22.35 2.83
C ILE A 32 14.98 22.46 4.33
N THR A 33 13.88 22.45 5.09
CA THR A 33 13.90 22.55 6.54
C THR A 33 13.13 21.40 7.15
N LEU A 34 13.75 20.70 8.09
CA LEU A 34 13.08 19.63 8.82
C LEU A 34 12.33 20.19 10.02
N ILE A 35 11.14 19.63 10.28
CA ILE A 35 10.26 20.09 11.34
C ILE A 35 10.07 19.03 12.41
N ARG A 36 9.90 17.77 12.02
CA ARG A 36 9.69 16.70 12.97
C ARG A 36 10.28 15.41 12.44
N GLY A 37 10.55 14.47 13.36
CA GLY A 37 10.55 13.07 13.01
C GLY A 37 9.13 12.55 13.00
N LEU A 38 8.83 11.67 12.04
CA LEU A 38 7.50 11.11 11.89
C LEU A 38 7.45 9.61 12.16
N GLY A 39 8.56 9.01 12.57
CA GLY A 39 8.59 7.59 12.87
C GLY A 39 8.71 6.74 11.62
N VAL A 46 11.84 9.20 8.40
CA VAL A 46 10.94 10.07 7.66
C VAL A 46 10.58 11.28 8.54
N TYR A 47 10.60 12.46 7.94
CA TYR A 47 10.41 13.70 8.66
C TYR A 47 9.37 14.57 7.97
N GLU A 48 8.69 15.38 8.78
CA GLU A 48 7.95 16.53 8.26
C GLU A 48 8.95 17.62 7.91
N GLY A 49 8.72 18.30 6.79
CA GLY A 49 9.66 19.28 6.31
C GLY A 49 8.97 20.44 5.62
N GLN A 50 9.78 21.43 5.24
CA GLN A 50 9.30 22.62 4.55
C GLN A 50 10.22 22.94 3.38
N VAL A 51 9.62 23.40 2.28
CA VAL A 51 10.34 23.85 1.09
C VAL A 51 9.80 25.22 0.72
N SER A 52 10.69 26.22 0.70
CA SER A 52 10.28 27.58 0.40
C SER A 52 10.25 27.83 -1.10
N PRO A 60 5.48 28.68 1.41
CA PRO A 60 6.22 27.54 1.96
C PRO A 60 5.43 26.24 1.88
N LEU A 61 6.01 25.25 1.21
CA LEU A 61 5.33 24.00 0.96
C LEU A 61 5.64 23.00 2.06
N GLN A 62 4.60 22.31 2.54
CA GLN A 62 4.71 21.29 3.58
C GLN A 62 4.90 19.94 2.93
N VAL A 63 5.96 19.22 3.32
CA VAL A 63 6.32 17.96 2.67
C VAL A 63 6.77 16.93 3.69
N ALA A 64 6.92 15.70 3.22
CA ALA A 64 7.54 14.61 3.94
C ALA A 64 8.90 14.31 3.33
N VAL A 65 9.90 14.07 4.18
CA VAL A 65 11.29 13.94 3.74
C VAL A 65 11.77 12.54 4.11
N LYS A 66 11.95 11.69 3.10
CA LYS A 66 12.52 10.37 3.32
C LYS A 66 14.04 10.49 3.21
N THR A 67 14.73 10.07 4.27
CA THR A 67 16.17 10.25 4.36
C THR A 67 16.90 8.94 4.11
N LEU A 68 18.06 9.04 3.44
CA LEU A 68 18.94 7.90 3.25
C LEU A 68 20.10 8.00 4.22
N PRO A 69 20.26 7.08 5.16
CA PRO A 69 21.37 7.19 6.12
C PRO A 69 22.71 7.33 5.42
N GLU A 70 23.53 8.26 5.93
CA GLU A 70 24.89 8.40 5.42
C GLU A 70 25.71 7.15 5.69
N VAL A 71 25.36 6.40 6.74
CA VAL A 71 25.99 5.12 7.04
C VAL A 71 25.22 4.07 6.25
N CYS A 72 25.63 3.87 4.99
CA CYS A 72 24.94 2.95 4.11
C CYS A 72 25.90 2.47 3.03
N SER A 73 25.56 1.32 2.44
CA SER A 73 26.39 0.71 1.41
C SER A 73 26.10 1.33 0.04
N GLU A 74 26.75 0.80 -1.00
CA GLU A 74 26.51 1.29 -2.35
C GLU A 74 25.25 0.68 -2.95
N GLN A 75 24.93 -0.57 -2.59
CA GLN A 75 23.63 -1.12 -2.94
C GLN A 75 22.51 -0.24 -2.40
N ASP A 76 22.65 0.21 -1.15
CA ASP A 76 21.67 1.11 -0.56
C ASP A 76 21.48 2.35 -1.43
N GLU A 77 22.58 3.01 -1.79
CA GLU A 77 22.50 4.22 -2.58
C GLU A 77 21.68 4.00 -3.85
N LEU A 78 21.95 2.90 -4.57
CA LEU A 78 21.22 2.65 -5.80
C LEU A 78 19.77 2.25 -5.50
N ASP A 79 19.53 1.52 -4.41
CA ASP A 79 18.16 1.28 -3.96
C ASP A 79 17.41 2.60 -3.82
N PHE A 80 18.01 3.57 -3.12
CA PHE A 80 17.33 4.82 -2.81
C PHE A 80 17.06 5.63 -4.06
N LEU A 81 18.00 5.65 -5.01
CA LEU A 81 17.79 6.38 -6.25
C LEU A 81 16.63 5.81 -7.05
N MET A 82 16.54 4.48 -7.13
CA MET A 82 15.48 3.86 -7.93
C MET A 82 14.10 4.23 -7.39
N GLU A 83 13.94 4.22 -6.06
CA GLU A 83 12.64 4.56 -5.49
C GLU A 83 12.18 5.95 -5.95
N ALA A 84 13.10 6.92 -5.96
CA ALA A 84 12.74 8.26 -6.42
C ALA A 84 12.29 8.24 -7.87
N LEU A 85 13.00 7.50 -8.73
CA LEU A 85 12.60 7.40 -10.12
C LEU A 85 11.26 6.71 -10.26
N ILE A 86 11.04 5.64 -9.48
CA ILE A 86 9.79 4.90 -9.57
C ILE A 86 8.60 5.82 -9.25
N ILE A 87 8.59 6.39 -8.04
CA ILE A 87 7.44 7.17 -7.62
C ILE A 87 7.27 8.41 -8.50
N SER A 88 8.36 8.91 -9.08
CA SER A 88 8.28 10.13 -9.87
C SER A 88 7.48 9.93 -11.16
N LYS A 89 7.44 8.71 -11.69
CA LYS A 89 6.78 8.45 -12.97
C LYS A 89 5.30 8.15 -12.83
N PHE A 90 4.75 8.14 -11.63
CA PHE A 90 3.33 7.92 -11.44
C PHE A 90 2.59 9.25 -11.44
N ASN A 91 1.35 9.24 -11.96
CA ASN A 91 0.47 10.40 -11.92
C ASN A 91 -0.95 9.92 -11.62
N HIS A 92 -1.27 9.80 -10.33
CA HIS A 92 -2.56 9.29 -9.91
C HIS A 92 -2.86 9.80 -8.51
N GLN A 93 -4.12 10.13 -8.25
CA GLN A 93 -4.51 10.75 -7.00
C GLN A 93 -4.40 9.80 -5.81
N ASN A 94 -4.35 8.49 -6.05
CA ASN A 94 -4.24 7.50 -4.98
C ASN A 94 -2.83 6.93 -4.88
N ILE A 95 -1.83 7.65 -5.40
CA ILE A 95 -0.43 7.31 -5.22
C ILE A 95 0.28 8.57 -4.75
N VAL A 96 1.05 8.46 -3.67
CA VAL A 96 1.70 9.62 -3.09
C VAL A 96 2.56 10.32 -4.14
N ARG A 97 2.51 11.64 -4.14
CA ARG A 97 3.27 12.42 -5.10
C ARG A 97 4.73 12.53 -4.67
N CYS A 98 5.62 12.61 -5.65
CA CYS A 98 7.02 12.93 -5.41
C CYS A 98 7.25 14.40 -5.75
N ILE A 99 7.67 15.17 -4.76
CA ILE A 99 7.85 16.61 -4.95
C ILE A 99 9.19 16.92 -5.60
N GLY A 100 10.16 16.05 -5.44
CA GLY A 100 11.51 16.31 -5.88
C GLY A 100 12.48 15.53 -5.03
N VAL A 101 13.76 15.88 -5.16
CA VAL A 101 14.82 15.21 -4.41
C VAL A 101 15.87 16.24 -4.02
N SER A 102 16.69 15.86 -3.04
CA SER A 102 17.90 16.60 -2.67
C SER A 102 19.00 15.54 -2.53
N LEU A 103 19.55 15.11 -3.66
CA LEU A 103 20.53 14.04 -3.70
C LEU A 103 21.97 14.54 -3.75
N GLN A 104 22.19 15.77 -4.21
CA GLN A 104 23.54 16.29 -4.34
C GLN A 104 24.17 16.69 -3.00
N SER A 105 23.38 16.73 -1.94
CA SER A 105 23.87 16.98 -0.59
C SER A 105 23.64 15.75 0.27
N LEU A 106 24.32 15.70 1.41
CA LEU A 106 24.20 14.57 2.32
C LEU A 106 23.67 15.03 3.68
N PRO A 107 22.72 14.30 4.29
CA PRO A 107 22.11 13.03 3.82
C PRO A 107 21.13 13.21 2.65
N ARG A 108 20.96 12.16 1.86
CA ARG A 108 20.20 12.21 0.62
C ARG A 108 18.70 12.15 0.91
N PHE A 109 17.96 13.11 0.35
CA PHE A 109 16.55 13.28 0.63
C PHE A 109 15.70 12.92 -0.59
N ILE A 110 14.53 12.33 -0.32
CA ILE A 110 13.42 12.29 -1.27
C ILE A 110 12.28 13.07 -0.64
N LEU A 111 11.74 14.04 -1.40
CA LEU A 111 10.63 14.85 -0.94
C LEU A 111 9.32 14.23 -1.43
N LEU A 112 8.37 14.06 -0.52
CA LEU A 112 7.12 13.38 -0.85
C LEU A 112 5.93 14.14 -0.30
N GLU A 113 4.78 13.88 -0.90
CA GLU A 113 3.52 14.40 -0.40
C GLU A 113 3.34 14.06 1.07
N LEU A 114 3.00 15.06 1.88
CA LEU A 114 2.73 14.84 3.29
C LEU A 114 1.32 14.29 3.47
N MET A 115 1.20 13.23 4.24
CA MET A 115 -0.06 12.52 4.48
C MET A 115 -0.36 12.63 5.97
N ALA A 116 -1.07 13.70 6.36
CA ALA A 116 -1.28 13.98 7.78
C ALA A 116 -2.01 12.86 8.49
N GLY A 117 -2.74 12.01 7.77
CA GLY A 117 -3.45 10.92 8.42
C GLY A 117 -2.56 9.82 8.93
N GLY A 118 -1.31 9.75 8.48
CA GLY A 118 -0.42 8.67 8.85
C GLY A 118 -0.74 7.39 8.11
N ASP A 119 -0.05 6.33 8.51
CA ASP A 119 -0.26 5.04 7.86
C ASP A 119 -1.63 4.47 8.22
N LEU A 120 -2.11 3.56 7.37
CA LEU A 120 -3.46 3.03 7.53
C LEU A 120 -3.58 2.04 8.67
N LYS A 121 -2.53 1.24 8.92
CA LYS A 121 -2.62 0.24 9.99
C LYS A 121 -2.78 0.91 11.36
N SER A 122 -1.97 1.95 11.61
CA SER A 122 -2.07 2.65 12.89
C SER A 122 -3.39 3.42 13.00
N PHE A 123 -3.80 4.08 11.92
CA PHE A 123 -5.08 4.81 11.93
C PHE A 123 -6.22 3.87 12.30
N LEU A 124 -6.27 2.69 11.68
CA LEU A 124 -7.32 1.73 12.00
C LEU A 124 -7.25 1.27 13.44
N ARG A 125 -6.04 1.18 14.00
CA ARG A 125 -5.88 0.75 15.38
C ARG A 125 -6.26 1.86 16.36
N GLU A 126 -5.82 3.10 16.11
CA GLU A 126 -6.15 4.18 17.01
C GLU A 126 -7.62 4.58 16.88
N THR A 127 -8.15 4.54 15.65
CA THR A 127 -9.53 4.90 15.38
C THR A 127 -10.50 3.76 15.62
N ARG A 128 -10.01 2.62 16.09
CA ARG A 128 -10.89 1.53 16.50
C ARG A 128 -11.98 2.07 17.42
N PRO A 129 -13.26 1.72 17.20
CA PRO A 129 -14.32 2.24 18.06
C PRO A 129 -14.16 1.79 19.51
N ARG A 130 -14.35 2.73 20.43
CA ARG A 130 -14.17 2.52 21.85
C ARG A 130 -15.23 3.32 22.59
N PRO A 131 -15.54 2.94 23.85
CA PRO A 131 -16.50 3.70 24.65
C PRO A 131 -16.20 5.21 24.67
N SER A 136 -17.86 7.33 15.39
CA SER A 136 -16.57 7.82 14.94
C SER A 136 -16.28 7.34 13.50
N LEU A 137 -16.18 6.03 13.35
CA LEU A 137 -15.82 5.39 12.09
C LEU A 137 -16.91 4.39 11.71
N ALA A 138 -17.25 4.35 10.41
CA ALA A 138 -18.37 3.54 9.94
C ALA A 138 -17.95 2.68 8.77
N MET A 139 -18.82 1.72 8.44
CA MET A 139 -18.54 0.77 7.37
C MET A 139 -18.24 1.47 6.06
N LEU A 140 -18.97 2.56 5.76
CA LEU A 140 -18.74 3.25 4.50
C LEU A 140 -17.35 3.86 4.43
N ASP A 141 -16.80 4.30 5.57
CA ASP A 141 -15.45 4.85 5.56
C ASP A 141 -14.43 3.78 5.16
N LEU A 142 -14.60 2.55 5.65
CA LEU A 142 -13.68 1.49 5.29
C LEU A 142 -13.74 1.17 3.80
N LEU A 143 -14.95 1.23 3.22
CA LEU A 143 -15.10 0.92 1.81
C LEU A 143 -14.44 2.00 0.94
N HIS A 144 -14.49 3.25 1.38
CA HIS A 144 -13.83 4.32 0.63
C HIS A 144 -12.32 4.14 0.65
N VAL A 145 -11.75 3.77 1.80
CA VAL A 145 -10.34 3.44 1.85
C VAL A 145 -10.03 2.30 0.90
N ALA A 146 -10.81 1.23 0.97
CA ALA A 146 -10.59 0.09 0.07
C ALA A 146 -10.72 0.51 -1.38
N ARG A 147 -11.73 1.32 -1.70
CA ARG A 147 -11.88 1.83 -3.07
C ARG A 147 -10.68 2.66 -3.48
N ASP A 148 -10.25 3.57 -2.60
CA ASP A 148 -9.08 4.40 -2.91
C ASP A 148 -7.89 3.55 -3.31
N ILE A 149 -7.56 2.54 -2.49
CA ILE A 149 -6.39 1.72 -2.77
C ILE A 149 -6.62 0.87 -4.01
N ALA A 150 -7.84 0.33 -4.18
CA ALA A 150 -8.15 -0.43 -5.38
C ALA A 150 -8.01 0.44 -6.63
N CYS A 151 -8.33 1.73 -6.52
CA CYS A 151 -8.17 2.62 -7.67
CA CYS A 151 -8.16 2.63 -7.66
C CYS A 151 -6.69 2.79 -8.01
N GLY A 152 -5.83 2.94 -7.00
CA GLY A 152 -4.41 3.02 -7.28
C GLY A 152 -3.85 1.75 -7.88
N CYS A 153 -4.29 0.59 -7.38
CA CYS A 153 -3.79 -0.67 -7.91
C CYS A 153 -4.22 -0.86 -9.36
N GLN A 154 -5.43 -0.43 -9.70
CA GLN A 154 -5.86 -0.49 -11.10
C GLN A 154 -4.93 0.34 -11.98
N TYR A 155 -4.63 1.58 -11.55
CA TYR A 155 -3.67 2.41 -12.27
C TYR A 155 -2.34 1.67 -12.45
N LEU A 156 -1.82 1.08 -11.37
CA LEU A 156 -0.57 0.33 -11.48
C LEU A 156 -0.73 -0.82 -12.46
N GLU A 157 -1.80 -1.61 -12.33
CA GLU A 157 -2.02 -2.72 -13.24
C GLU A 157 -2.10 -2.24 -14.69
N GLU A 158 -2.92 -1.21 -14.93
CA GLU A 158 -3.08 -0.71 -16.30
C GLU A 158 -1.74 -0.27 -16.89
N ASN A 159 -0.79 0.13 -16.05
CA ASN A 159 0.54 0.51 -16.48
C ASN A 159 1.56 -0.61 -16.28
N HIS A 160 1.09 -1.83 -15.98
CA HIS A 160 1.96 -3.01 -15.92
C HIS A 160 3.02 -2.89 -14.83
N PHE A 161 2.69 -2.22 -13.74
CA PHE A 161 3.56 -2.15 -12.57
C PHE A 161 3.02 -3.10 -11.51
N ILE A 162 3.89 -3.95 -10.99
CA ILE A 162 3.56 -4.90 -9.95
C ILE A 162 4.13 -4.37 -8.64
N HIS A 163 3.25 -4.05 -7.70
CA HIS A 163 3.72 -3.42 -6.47
C HIS A 163 4.50 -4.40 -5.60
N ARG A 164 3.96 -5.61 -5.40
CA ARG A 164 4.54 -6.74 -4.70
C ARG A 164 4.36 -6.68 -3.19
N ASP A 165 3.85 -5.58 -2.63
CA ASP A 165 3.78 -5.45 -1.17
C ASP A 165 2.58 -4.58 -0.79
N ILE A 166 1.41 -4.89 -1.35
CA ILE A 166 0.19 -4.21 -0.97
C ILE A 166 -0.19 -4.65 0.45
N ALA A 167 -0.20 -3.70 1.38
CA ALA A 167 -0.49 -3.99 2.77
C ALA A 167 -0.81 -2.68 3.48
N ALA A 168 -1.56 -2.80 4.58
CA ALA A 168 -2.04 -1.60 5.27
C ALA A 168 -0.91 -0.74 5.79
N ARG A 169 0.23 -1.34 6.13
CA ARG A 169 1.36 -0.55 6.63
C ARG A 169 1.94 0.35 5.55
N ASN A 170 1.69 0.06 4.27
CA ASN A 170 2.27 0.81 3.17
C ASN A 170 1.28 1.80 2.55
N CYS A 171 0.10 1.95 3.14
CA CYS A 171 -0.89 2.94 2.69
C CYS A 171 -0.90 4.13 3.65
N LEU A 172 -1.21 5.30 3.11
CA LEU A 172 -1.24 6.53 3.89
C LEU A 172 -2.57 7.24 3.66
N LEU A 173 -2.91 8.12 4.61
CA LEU A 173 -4.14 8.90 4.56
C LEU A 173 -3.83 10.39 4.57
N THR A 174 -4.55 11.16 3.77
CA THR A 174 -4.32 12.59 3.71
C THR A 174 -4.59 13.25 5.06
N CYS A 175 -5.69 12.86 5.70
CA CYS A 175 -6.10 13.43 6.98
C CYS A 175 -6.84 12.36 7.75
N PRO A 176 -6.85 12.44 9.08
CA PRO A 176 -7.56 11.42 9.88
C PRO A 176 -9.07 11.59 9.89
N GLY A 177 -9.59 12.77 9.57
CA GLY A 177 -10.99 13.05 9.71
C GLY A 177 -11.79 12.73 8.47
N PRO A 178 -13.02 13.22 8.40
CA PRO A 178 -13.87 12.97 7.22
C PRO A 178 -13.15 13.47 5.96
N GLY A 179 -13.57 12.90 4.81
CA GLY A 179 -12.97 13.30 3.55
C GLY A 179 -11.54 12.83 3.37
N ARG A 180 -11.09 11.88 4.18
CA ARG A 180 -9.75 11.32 4.02
C ARG A 180 -9.64 10.62 2.67
N VAL A 181 -8.43 10.64 2.11
CA VAL A 181 -8.11 9.91 0.90
C VAL A 181 -6.93 8.99 1.20
N ALA A 182 -7.07 7.72 0.83
CA ALA A 182 -6.00 6.75 1.00
C ALA A 182 -5.18 6.66 -0.29
N LYS A 183 -3.87 6.46 -0.13
CA LYS A 183 -2.96 6.37 -1.25
C LYS A 183 -1.89 5.33 -0.93
N ILE A 184 -1.37 4.71 -1.99
CA ILE A 184 -0.20 3.83 -1.85
C ILE A 184 1.03 4.70 -1.64
N GLY A 185 1.76 4.44 -0.56
CA GLY A 185 2.79 5.36 -0.11
C GLY A 185 4.21 4.84 -0.12
N ASP A 186 4.41 3.53 -0.25
CA ASP A 186 5.74 2.94 -0.17
C ASP A 186 5.94 1.97 -1.32
N PHE A 187 7.11 2.06 -1.95
CA PHE A 187 7.47 1.22 -3.08
C PHE A 187 8.83 0.57 -2.85
N GLY A 188 9.11 0.20 -1.60
CA GLY A 188 10.40 -0.39 -1.29
C GLY A 188 10.56 -1.78 -1.87
N MET A 189 9.48 -2.58 -1.86
CA MET A 189 9.59 -3.95 -2.35
C MET A 189 9.80 -3.99 -3.86
N ALA A 190 9.03 -3.18 -4.60
CA ALA A 190 9.17 -3.16 -6.05
C ALA A 190 10.55 -2.65 -6.48
N ARG A 191 11.23 -1.89 -5.61
CA ARG A 191 12.55 -1.40 -5.94
C ARG A 191 13.63 -2.42 -5.60
N ASP A 192 13.46 -3.21 -4.54
CA ASP A 192 14.46 -4.21 -4.19
C ASP A 192 14.61 -5.24 -5.30
N ILE A 193 13.49 -5.77 -5.80
CA ILE A 193 13.51 -6.82 -6.81
C ILE A 193 13.69 -6.17 -8.19
N TYR A 194 14.01 -4.89 -8.21
CA TYR A 194 14.31 -4.17 -9.46
C TYR A 194 15.82 -3.97 -9.57
N GLY A 202 14.32 -9.38 0.87
CA GLY A 202 15.72 -9.44 1.22
C GLY A 202 16.04 -10.52 2.23
N GLY A 203 15.27 -11.60 2.19
CA GLY A 203 15.46 -12.72 3.09
C GLY A 203 14.16 -13.48 3.30
N CYS A 204 14.30 -14.74 3.71
CA CYS A 204 13.12 -15.57 3.90
CA CYS A 204 13.12 -15.57 3.89
C CYS A 204 12.29 -15.11 5.09
N ALA A 205 12.95 -14.77 6.20
CA ALA A 205 12.23 -14.28 7.37
C ALA A 205 11.71 -12.85 7.18
N MET A 206 11.99 -12.22 6.04
CA MET A 206 11.54 -10.87 5.77
C MET A 206 10.55 -10.77 4.62
N LEU A 207 10.30 -11.86 3.89
CA LEU A 207 9.27 -11.82 2.86
C LEU A 207 7.91 -11.60 3.51
N PRO A 208 7.07 -10.73 2.94
CA PRO A 208 5.71 -10.57 3.48
C PRO A 208 4.84 -11.77 3.19
N VAL A 209 5.17 -12.92 3.81
CA VAL A 209 4.54 -14.19 3.43
C VAL A 209 3.03 -14.12 3.63
N LYS A 210 2.59 -13.44 4.70
CA LYS A 210 1.16 -13.39 4.99
C LYS A 210 0.36 -12.59 3.98
N TRP A 211 1.02 -11.86 3.08
CA TRP A 211 0.35 -11.11 2.02
C TRP A 211 0.56 -11.73 0.64
N MET A 212 1.17 -12.93 0.56
CA MET A 212 1.59 -13.46 -0.73
C MET A 212 0.79 -14.68 -1.15
N PRO A 213 0.50 -14.84 -2.44
CA PRO A 213 -0.20 -16.03 -2.92
C PRO A 213 0.75 -17.20 -3.04
N PRO A 214 0.22 -18.42 -3.21
CA PRO A 214 1.09 -19.61 -3.26
C PRO A 214 2.22 -19.49 -4.28
N GLU A 215 1.88 -19.24 -5.55
CA GLU A 215 2.89 -19.21 -6.59
C GLU A 215 4.00 -18.19 -6.29
N ALA A 216 3.72 -17.19 -5.45
CA ALA A 216 4.73 -16.18 -5.15
C ALA A 216 5.75 -16.70 -4.14
N PHE A 217 5.31 -17.23 -3.01
CA PHE A 217 6.26 -17.73 -2.02
C PHE A 217 6.73 -19.15 -2.33
N MET A 218 6.04 -19.87 -3.23
CA MET A 218 6.51 -21.18 -3.66
C MET A 218 7.48 -21.07 -4.83
N GLU A 219 7.08 -20.37 -5.90
CA GLU A 219 7.84 -20.32 -7.14
C GLU A 219 8.47 -18.96 -7.39
N GLY A 220 8.20 -17.97 -6.56
CA GLY A 220 8.71 -16.64 -6.83
C GLY A 220 8.14 -16.01 -8.08
N ILE A 221 6.93 -16.40 -8.47
CA ILE A 221 6.24 -15.81 -9.61
C ILE A 221 5.46 -14.59 -9.12
N PHE A 222 5.57 -13.49 -9.85
CA PHE A 222 4.87 -12.26 -9.53
C PHE A 222 4.19 -11.71 -10.78
N THR A 223 2.89 -11.42 -10.68
CA THR A 223 2.12 -10.79 -11.75
C THR A 223 1.17 -9.80 -11.11
N SER A 224 0.33 -9.16 -11.94
CA SER A 224 -0.72 -8.31 -11.39
C SER A 224 -1.63 -9.11 -10.46
N LYS A 225 -1.80 -10.40 -10.74
CA LYS A 225 -2.62 -11.25 -9.87
C LYS A 225 -1.95 -11.52 -8.54
N THR A 226 -0.65 -11.24 -8.41
CA THR A 226 -0.03 -11.23 -7.09
C THR A 226 -0.61 -10.08 -6.25
N ASP A 227 -0.71 -8.89 -6.84
CA ASP A 227 -1.26 -7.76 -6.11
C ASP A 227 -2.73 -7.97 -5.77
N THR A 228 -3.48 -8.69 -6.62
CA THR A 228 -4.86 -8.99 -6.32
C THR A 228 -4.97 -9.76 -5.01
N TRP A 229 -4.18 -10.82 -4.86
CA TRP A 229 -4.17 -11.58 -3.61
C TRP A 229 -3.85 -10.66 -2.44
N SER A 230 -2.81 -9.84 -2.58
CA SER A 230 -2.40 -8.97 -1.48
C SER A 230 -3.49 -7.98 -1.12
N PHE A 231 -4.21 -7.47 -2.12
CA PHE A 231 -5.30 -6.55 -1.82
C PHE A 231 -6.39 -7.24 -1.00
N GLY A 232 -6.66 -8.51 -1.30
CA GLY A 232 -7.61 -9.25 -0.49
C GLY A 232 -7.20 -9.29 0.98
N VAL A 233 -5.92 -9.58 1.24
CA VAL A 233 -5.43 -9.54 2.60
C VAL A 233 -5.55 -8.13 3.17
N LEU A 234 -5.21 -7.11 2.36
CA LEU A 234 -5.39 -5.73 2.81
C LEU A 234 -6.86 -5.46 3.15
N LEU A 235 -7.78 -6.00 2.35
CA LEU A 235 -9.20 -5.85 2.65
C LEU A 235 -9.54 -6.46 4.00
N TRP A 236 -8.89 -7.58 4.34
CA TRP A 236 -9.10 -8.19 5.65
C TRP A 236 -8.51 -7.31 6.75
N GLU A 237 -7.33 -6.74 6.52
CA GLU A 237 -6.76 -5.80 7.47
C GLU A 237 -7.72 -4.64 7.74
N ILE A 238 -8.36 -4.13 6.68
CA ILE A 238 -9.19 -2.94 6.81
C ILE A 238 -10.42 -3.22 7.67
N PHE A 239 -11.14 -4.30 7.34
CA PHE A 239 -12.40 -4.58 8.02
C PHE A 239 -12.21 -5.33 9.33
N SER A 240 -11.00 -5.78 9.64
CA SER A 240 -10.65 -6.20 10.98
C SER A 240 -10.20 -5.03 11.84
N LEU A 241 -10.02 -3.84 11.24
CA LEU A 241 -9.64 -2.63 11.97
C LEU A 241 -8.20 -2.72 12.50
N GLY A 242 -7.29 -3.20 11.66
CA GLY A 242 -5.87 -3.15 11.94
C GLY A 242 -5.26 -4.39 12.52
N TYR A 243 -5.97 -5.51 12.50
CA TYR A 243 -5.40 -6.75 13.04
C TYR A 243 -4.32 -7.30 12.10
N MET A 244 -3.41 -8.06 12.68
CA MET A 244 -2.43 -8.78 11.90
C MET A 244 -3.10 -9.95 11.18
N PRO A 245 -2.86 -10.14 9.89
CA PRO A 245 -3.46 -11.30 9.20
C PRO A 245 -3.04 -12.61 9.86
N TYR A 246 -3.87 -13.63 9.68
CA TYR A 246 -3.69 -14.95 10.26
C TYR A 246 -3.23 -14.79 11.72
N PRO A 247 -4.07 -14.20 12.58
CA PRO A 247 -3.59 -13.65 13.85
C PRO A 247 -2.66 -14.56 14.65
N SER A 248 -3.10 -15.78 14.95
CA SER A 248 -2.35 -16.66 15.85
C SER A 248 -1.35 -17.55 15.14
N LYS A 249 -1.15 -17.37 13.85
CA LYS A 249 -0.27 -18.22 13.07
C LYS A 249 1.07 -17.55 12.81
N SER A 250 2.08 -18.38 12.58
CA SER A 250 3.40 -17.92 12.16
C SER A 250 3.51 -18.00 10.64
N ASN A 251 4.60 -17.45 10.12
CA ASN A 251 4.81 -17.42 8.67
C ASN A 251 4.73 -18.83 8.08
N GLN A 252 5.50 -19.78 8.64
CA GLN A 252 5.51 -21.12 8.08
C GLN A 252 4.16 -21.81 8.25
N GLU A 253 3.49 -21.56 9.37
CA GLU A 253 2.13 -22.08 9.55
C GLU A 253 1.21 -21.55 8.45
N VAL A 254 1.26 -20.25 8.18
CA VAL A 254 0.45 -19.67 7.12
C VAL A 254 0.81 -20.29 5.78
N LEU A 255 2.11 -20.40 5.50
CA LEU A 255 2.58 -21.02 4.26
C LEU A 255 1.92 -22.38 4.06
N GLU A 256 1.95 -23.22 5.10
CA GLU A 256 1.36 -24.55 4.99
C GLU A 256 -0.17 -24.48 5.03
N PHE A 257 -0.72 -23.54 5.80
CA PHE A 257 -2.17 -23.34 5.79
C PHE A 257 -2.68 -22.96 4.41
N VAL A 258 -2.03 -21.98 3.77
CA VAL A 258 -2.55 -21.42 2.53
C VAL A 258 -2.38 -22.41 1.39
N THR A 259 -1.20 -23.02 1.29
CA THR A 259 -0.98 -23.96 0.19
C THR A 259 -2.00 -25.09 0.22
N SER A 260 -2.37 -25.55 1.42
CA SER A 260 -3.36 -26.61 1.55
C SER A 260 -4.77 -26.16 1.22
N GLY A 261 -4.99 -24.87 1.00
CA GLY A 261 -6.31 -24.35 0.69
C GLY A 261 -6.97 -23.58 1.81
N GLY A 262 -6.31 -23.42 2.95
CA GLY A 262 -6.90 -22.69 4.05
C GLY A 262 -6.94 -21.21 3.79
N ARG A 263 -7.95 -20.54 4.37
CA ARG A 263 -8.14 -19.11 4.21
C ARG A 263 -8.66 -18.53 5.51
N MET A 264 -8.40 -17.23 5.72
CA MET A 264 -8.84 -16.58 6.93
C MET A 264 -10.37 -16.54 6.99
N ASP A 265 -10.90 -16.50 8.22
CA ASP A 265 -12.31 -16.29 8.44
C ASP A 265 -12.66 -14.81 8.26
N PRO A 266 -13.94 -14.48 8.11
CA PRO A 266 -14.32 -13.08 8.02
C PRO A 266 -13.91 -12.33 9.27
N PRO A 267 -13.52 -11.06 9.13
CA PRO A 267 -13.35 -10.22 10.32
C PRO A 267 -14.68 -10.08 11.06
N LYS A 268 -14.59 -9.79 12.35
CA LYS A 268 -15.78 -9.64 13.17
C LYS A 268 -16.73 -8.63 12.53
N ASN A 269 -17.97 -9.07 12.32
CA ASN A 269 -19.06 -8.26 11.77
C ASN A 269 -18.89 -7.95 10.28
N CYS A 270 -17.94 -8.58 9.61
CA CYS A 270 -17.71 -8.25 8.21
C CYS A 270 -18.93 -8.63 7.37
N PRO A 271 -19.45 -7.73 6.55
CA PRO A 271 -20.57 -8.09 5.67
C PRO A 271 -20.15 -9.13 4.64
N GLY A 272 -21.11 -9.98 4.27
CA GLY A 272 -20.88 -11.03 3.32
C GLY A 272 -20.29 -10.55 2.01
N PRO A 273 -20.94 -9.57 1.38
CA PRO A 273 -20.43 -9.06 0.10
C PRO A 273 -18.98 -8.63 0.15
N VAL A 274 -18.53 -8.13 1.30
CA VAL A 274 -17.12 -7.72 1.43
C VAL A 274 -16.24 -8.96 1.56
N TYR A 275 -16.65 -9.91 2.39
CA TYR A 275 -15.87 -11.15 2.54
C TYR A 275 -15.75 -11.87 1.20
N ARG A 276 -16.81 -11.85 0.39
CA ARG A 276 -16.77 -12.53 -0.89
C ARG A 276 -15.74 -11.92 -1.83
N ILE A 277 -15.47 -10.62 -1.69
CA ILE A 277 -14.39 -10.01 -2.47
C ILE A 277 -13.05 -10.59 -2.03
N MET A 278 -12.82 -10.63 -0.71
CA MET A 278 -11.59 -11.23 -0.19
C MET A 278 -11.39 -12.64 -0.74
N THR A 279 -12.42 -13.49 -0.64
CA THR A 279 -12.27 -14.88 -1.05
C THR A 279 -12.04 -15.00 -2.54
N GLN A 280 -12.62 -14.11 -3.34
N GLN A 280 -12.62 -14.11 -3.34
CA GLN A 280 -12.34 -14.11 -4.77
CA GLN A 280 -12.35 -14.11 -4.77
C GLN A 280 -10.91 -13.68 -5.03
C GLN A 280 -10.93 -13.65 -5.06
N CYS A 281 -10.39 -12.73 -4.25
CA CYS A 281 -9.00 -12.35 -4.38
C CYS A 281 -8.05 -13.48 -4.02
N TRP A 282 -8.50 -14.41 -3.16
CA TRP A 282 -7.65 -15.48 -2.66
C TRP A 282 -7.84 -16.80 -3.43
N GLN A 283 -8.40 -16.75 -4.63
CA GLN A 283 -8.52 -17.98 -5.42
C GLN A 283 -7.14 -18.57 -5.66
N HIS A 284 -7.05 -19.91 -5.57
CA HIS A 284 -5.75 -20.56 -5.62
C HIS A 284 -5.07 -20.34 -6.97
N GLN A 285 -5.83 -20.41 -8.06
CA GLN A 285 -5.26 -20.20 -9.40
C GLN A 285 -5.31 -18.71 -9.74
N PRO A 286 -4.18 -18.07 -10.06
CA PRO A 286 -4.20 -16.63 -10.36
C PRO A 286 -5.20 -16.25 -11.44
N GLU A 287 -5.45 -17.12 -12.42
CA GLU A 287 -6.38 -16.78 -13.48
C GLU A 287 -7.83 -16.79 -13.02
N ASP A 288 -8.11 -17.32 -11.83
CA ASP A 288 -9.45 -17.27 -11.25
C ASP A 288 -9.63 -16.05 -10.35
N ARG A 289 -8.59 -15.25 -10.15
CA ARG A 289 -8.71 -14.04 -9.36
C ARG A 289 -9.13 -12.87 -10.24
N PRO A 290 -9.89 -11.92 -9.70
CA PRO A 290 -10.31 -10.77 -10.50
C PRO A 290 -9.19 -9.75 -10.68
N ASN A 291 -9.25 -9.04 -11.80
CA ASN A 291 -8.39 -7.87 -11.97
C ASN A 291 -8.95 -6.71 -11.15
N PHE A 292 -8.20 -5.62 -11.09
CA PHE A 292 -8.59 -4.54 -10.19
C PHE A 292 -9.77 -3.73 -10.72
N ALA A 293 -10.05 -3.80 -12.02
CA ALA A 293 -11.28 -3.18 -12.51
C ALA A 293 -12.50 -3.85 -11.91
N ILE A 294 -12.50 -5.19 -11.87
CA ILE A 294 -13.62 -5.92 -11.29
C ILE A 294 -13.72 -5.68 -9.79
N ILE A 295 -12.57 -5.65 -9.11
CA ILE A 295 -12.57 -5.40 -7.67
C ILE A 295 -13.21 -4.05 -7.36
N LEU A 296 -12.76 -2.99 -8.05
CA LEU A 296 -13.41 -1.69 -7.91
C LEU A 296 -14.91 -1.81 -8.13
N GLU A 297 -15.31 -2.48 -9.21
CA GLU A 297 -16.71 -2.65 -9.53
C GLU A 297 -17.48 -3.25 -8.36
N ARG A 298 -16.91 -4.27 -7.72
CA ARG A 298 -17.60 -4.94 -6.62
C ARG A 298 -17.53 -4.15 -5.32
N ILE A 299 -16.46 -3.37 -5.12
CA ILE A 299 -16.43 -2.48 -3.96
C ILE A 299 -17.51 -1.41 -4.09
N GLU A 300 -17.70 -0.89 -5.30
CA GLU A 300 -18.70 0.16 -5.49
CA GLU A 300 -18.70 0.15 -5.51
C GLU A 300 -20.11 -0.38 -5.32
N TYR A 301 -20.36 -1.63 -5.71
N TYR A 301 -20.37 -1.64 -5.72
CA TYR A 301 -21.66 -2.26 -5.48
CA TYR A 301 -21.67 -2.23 -5.46
C TYR A 301 -21.92 -2.47 -3.98
C TYR A 301 -21.93 -2.37 -3.96
N CYS A 302 -20.85 -2.54 -3.17
CA CYS A 302 -21.03 -2.69 -1.74
C CYS A 302 -21.36 -1.35 -1.08
N THR A 303 -20.85 -0.25 -1.63
CA THR A 303 -21.20 1.08 -1.13
C THR A 303 -22.64 1.46 -1.49
N GLN A 304 -23.26 0.71 -2.40
CA GLN A 304 -24.64 0.93 -2.80
C GLN A 304 -25.62 0.01 -2.08
N ASP A 305 -25.14 -0.85 -1.18
CA ASP A 305 -26.00 -1.78 -0.49
C ASP A 305 -26.21 -1.30 0.95
N PRO A 306 -27.42 -0.86 1.32
CA PRO A 306 -27.62 -0.43 2.71
C PRO A 306 -27.30 -1.51 3.72
N ASP A 307 -27.73 -2.75 3.48
CA ASP A 307 -27.42 -3.83 4.41
C ASP A 307 -25.93 -3.91 4.71
N VAL A 308 -25.09 -3.42 3.80
CA VAL A 308 -23.64 -3.44 4.01
C VAL A 308 -23.22 -2.23 4.82
N ILE A 309 -23.51 -1.03 4.31
CA ILE A 309 -22.99 0.17 4.93
C ILE A 309 -23.68 0.51 6.24
N ASN A 310 -24.85 -0.06 6.50
CA ASN A 310 -25.52 0.13 7.78
C ASN A 310 -25.11 -0.91 8.81
N THR A 311 -24.14 -1.75 8.50
CA THR A 311 -23.63 -2.72 9.45
C THR A 311 -22.70 -2.03 10.44
N ALA A 312 -22.90 -2.31 11.73
CA ALA A 312 -22.14 -1.66 12.78
C ALA A 312 -20.79 -2.35 12.96
N LEU A 313 -19.77 -1.55 13.26
CA LEU A 313 -18.46 -2.08 13.56
C LEU A 313 -18.43 -2.64 14.99
N PRO A 314 -17.54 -3.59 15.26
CA PRO A 314 -17.42 -4.12 16.62
C PRO A 314 -16.64 -3.18 17.52
N ILE A 315 -17.04 -3.16 18.78
CA ILE A 315 -16.49 -2.20 19.74
C ILE A 315 -15.37 -2.82 20.54
#